data_5QQ8
#
_entry.id   5QQ8
#
_cell.length_a   57.781
_cell.length_b   57.781
_cell.length_c   396.935
_cell.angle_alpha   90.000
_cell.angle_beta   90.000
_cell.angle_gamma   120.000
#
_symmetry.space_group_name_H-M   'P 61 2 2'
#
loop_
_entity.id
_entity.type
_entity.pdbx_description
1 polymer 'Farnesyl diphosphate synthase'
2 non-polymer 'SULFATE ION'
3 non-polymer 'ACETATE ION'
4 non-polymer 'ZINC ION'
5 non-polymer 3-ethyl-1-[(1~{R},8~{S},9~{S},10~{S})-10-oxidanyl-11-oxatricyclo[6.2.1.0^{2,7}]undeca-2(7),3,5-trien-9-yl]imidazolidine-2,4-dione
6 water water
#
_entity_poly.entity_id   1
_entity_poly.type   'polypeptide(L)'
_entity_poly.pdbx_seq_one_letter_code
;GPMASMERFLSVYDEVQAFLLDQLQSKYEIDPNRARYLRIMMDTTCLGGKYFRGMTVVNVAEGFLAVTQHDEATKERILH
DACVGGWMIEFLQAHYLVEDDIMDGSVMRRGKPCWYRFPGVTTQCAINDGIILKSWTQIMAWHYFADRPFLKDLLCLFQK
VDYATAVGQMYDVTSMCDSNKLDPEVAQPMTTDFAEFTPAIYKRIVKYKTTFYTYLLPLVMGLLVSEAAASVEMNLVERV
AHLIGEYFQVQDDVMDCFTPPEQLGKVGTDIEDAKCSWLAVTFLGKANAAQVAEFKANYGEKDPAKVAVVKRLYSKANLQ
ADFAAYEAEVVREVESLIEQLKVKSPTFAESVAVVWEKTHKRKK
;
_entity_poly.pdbx_strand_id   A
#
loop_
_chem_comp.id
_chem_comp.type
_chem_comp.name
_chem_comp.formula
ACT non-polymer 'ACETATE ION' 'C2 H3 O2 -1'
LXS non-polymer 3-ethyl-1-[(1~{R},8~{S},9~{S},10~{S})-10-oxidanyl-11-oxatricyclo[6.2.1.0^{2,7}]undeca-2(7),3,5-trien-9-yl]imidazolidine-2,4-dione 'C15 H16 N2 O4'
SO4 non-polymer 'SULFATE ION' 'O4 S -2'
ZN non-polymer 'ZINC ION' 'Zn 2'
#
# COMPACT_ATOMS: atom_id res chain seq x y z
N MET A 3 19.17 -1.60 20.78
CA MET A 3 19.30 -1.88 19.29
C MET A 3 18.45 -0.94 18.43
N ALA A 4 19.05 -0.30 17.43
CA ALA A 4 18.27 0.55 16.49
C ALA A 4 17.18 -0.30 15.79
N SER A 5 16.08 0.39 15.55
CA SER A 5 14.84 -0.23 15.08
C SER A 5 14.95 -0.97 13.72
N MET A 6 15.56 -0.25 12.80
CA MET A 6 15.82 -0.79 11.48
C MET A 6 16.73 -2.01 11.51
N GLU A 7 17.78 -2.01 12.31
CA GLU A 7 18.72 -3.13 12.32
C GLU A 7 17.99 -4.31 12.94
N ARG A 8 17.11 -4.02 13.91
CA ARG A 8 16.32 -5.09 14.43
C ARG A 8 15.39 -5.74 13.39
N PHE A 9 14.67 -4.85 12.74
CA PHE A 9 13.77 -5.24 11.72
C PHE A 9 14.39 -6.10 10.62
N LEU A 10 15.53 -5.68 10.15
CA LEU A 10 16.26 -6.46 9.16
C LEU A 10 16.79 -7.77 9.66
N SER A 11 17.28 -7.82 10.92
CA SER A 11 17.64 -9.09 11.51
C SER A 11 16.52 -10.04 11.53
N VAL A 12 15.34 -9.59 11.91
CA VAL A 12 14.22 -10.48 11.97
C VAL A 12 13.86 -11.00 10.57
N TYR A 13 14.05 -10.17 9.53
CA TYR A 13 13.87 -10.71 8.14
C TYR A 13 14.71 -11.97 7.99
N ASP A 14 15.96 -11.91 8.37
CA ASP A 14 16.81 -13.06 8.12
C ASP A 14 16.32 -14.30 8.94
N GLU A 15 15.83 -14.03 10.15
CA GLU A 15 15.37 -15.06 10.97
C GLU A 15 14.12 -15.71 10.36
N VAL A 16 13.19 -14.84 9.94
CA VAL A 16 11.99 -15.34 9.38
C VAL A 16 12.28 -16.14 8.07
N GLN A 17 13.13 -15.64 7.24
CA GLN A 17 13.55 -16.33 6.03
C GLN A 17 14.07 -17.73 6.35
N ALA A 18 15.02 -17.78 7.30
CA ALA A 18 15.60 -19.02 7.67
C ALA A 18 14.54 -20.00 8.15
N PHE A 19 13.55 -19.53 8.94
CA PHE A 19 12.54 -20.31 9.46
C PHE A 19 11.66 -20.91 8.34
N LEU A 20 11.27 -20.02 7.41
CA LEU A 20 10.40 -20.43 6.30
C LEU A 20 11.06 -21.51 5.47
N LEU A 21 12.29 -21.23 5.07
CA LEU A 21 13.01 -22.17 4.18
C LEU A 21 13.37 -23.47 4.91
N ASP A 22 13.78 -23.37 6.18
CA ASP A 22 14.01 -24.58 7.00
C ASP A 22 12.78 -25.50 7.14
N GLN A 23 11.62 -24.87 7.40
CA GLN A 23 10.36 -25.53 7.40
C GLN A 23 10.03 -26.17 6.08
N LEU A 24 10.32 -25.49 4.98
CA LEU A 24 10.04 -26.11 3.68
C LEU A 24 10.81 -27.40 3.54
N GLN A 25 12.07 -27.35 3.97
CA GLN A 25 12.90 -28.60 3.93
C GLN A 25 12.40 -29.69 4.88
N SER A 26 12.03 -29.34 6.10
CA SER A 26 11.67 -30.41 7.06
C SER A 26 10.27 -30.91 6.96
N LYS A 27 9.31 -30.10 6.48
CA LYS A 27 7.93 -30.49 6.48
C LYS A 27 7.27 -30.54 5.11
N TYR A 28 7.92 -29.95 4.10
CA TYR A 28 7.23 -29.87 2.74
C TYR A 28 8.12 -30.42 1.63
N GLU A 29 9.17 -31.16 1.99
CA GLU A 29 9.96 -31.98 1.10
C GLU A 29 10.74 -31.20 0.02
N ILE A 30 11.02 -29.93 0.31
CA ILE A 30 11.71 -29.14 -0.68
C ILE A 30 13.11 -29.56 -0.87
N ASP A 31 13.63 -29.41 -2.08
CA ASP A 31 14.97 -29.63 -2.46
C ASP A 31 15.69 -28.35 -2.42
N PRO A 32 17.05 -28.41 -2.37
CA PRO A 32 17.87 -27.22 -2.20
C PRO A 32 17.74 -26.25 -3.36
N ASN A 33 17.53 -26.69 -4.55
CA ASN A 33 17.50 -25.75 -5.63
C ASN A 33 16.22 -24.86 -5.65
N ARG A 34 15.15 -25.50 -5.25
CA ARG A 34 13.85 -24.83 -5.24
C ARG A 34 13.81 -23.94 -4.03
N ALA A 35 14.43 -24.35 -2.91
CA ALA A 35 14.62 -23.42 -1.75
C ALA A 35 15.44 -22.20 -2.08
N ARG A 36 16.50 -22.40 -2.88
CA ARG A 36 17.22 -21.25 -3.41
C ARG A 36 16.36 -20.31 -4.32
N TYR A 37 15.56 -20.90 -5.21
CA TYR A 37 14.70 -20.09 -6.05
C TYR A 37 13.76 -19.24 -5.14
N LEU A 38 13.26 -19.85 -4.08
CA LEU A 38 12.22 -19.15 -3.15
C LEU A 38 12.91 -18.12 -2.30
N ARG A 39 14.18 -18.39 -1.96
CA ARG A 39 14.99 -17.38 -1.25
C ARG A 39 15.24 -16.16 -2.07
N ILE A 40 15.59 -16.40 -3.36
CA ILE A 40 15.81 -15.29 -4.27
C ILE A 40 14.52 -14.51 -4.53
N MET A 41 13.42 -15.24 -4.68
CA MET A 41 12.08 -14.61 -4.92
C MET A 41 11.71 -13.74 -3.75
N MET A 42 11.90 -14.25 -2.58
CA MET A 42 11.63 -13.50 -1.39
C MET A 42 12.39 -12.25 -1.30
N ASP A 43 13.71 -12.36 -1.43
CA ASP A 43 14.54 -11.18 -1.39
C ASP A 43 14.20 -10.16 -2.44
N THR A 44 13.96 -10.63 -3.66
CA THR A 44 13.70 -9.73 -4.74
C THR A 44 12.38 -8.99 -4.64
N THR A 45 11.40 -9.62 -4.05
CA THR A 45 10.11 -9.06 -3.93
C THR A 45 9.81 -8.33 -2.63
N CYS A 46 10.52 -8.69 -1.58
CA CYS A 46 10.23 -8.16 -0.22
C CYS A 46 11.24 -7.09 0.21
N LEU A 47 12.46 -7.11 -0.30
CA LEU A 47 13.45 -6.16 0.08
C LEU A 47 13.69 -5.06 -0.97
N GLY A 48 14.15 -3.91 -0.51
CA GLY A 48 14.71 -2.83 -1.39
C GLY A 48 13.94 -1.56 -1.28
N GLY A 49 12.76 -1.61 -0.67
CA GLY A 49 11.97 -0.48 -0.36
C GLY A 49 12.38 0.22 0.93
N LYS A 50 11.53 1.14 1.39
CA LYS A 50 11.83 1.88 2.65
C LYS A 50 11.30 1.14 3.89
N TYR A 51 10.48 0.11 3.71
CA TYR A 51 9.88 -0.61 4.84
C TYR A 51 9.00 0.31 5.65
N PHE A 52 8.42 1.31 5.04
CA PHE A 52 7.57 2.22 5.78
C PHE A 52 6.43 1.47 6.56
N ARG A 53 5.77 0.55 5.93
CA ARG A 53 4.69 -0.15 6.53
C ARG A 53 5.16 -0.96 7.74
N GLY A 54 6.06 -1.89 7.53
CA GLY A 54 6.51 -2.80 8.59
C GLY A 54 7.15 -1.95 9.71
N MET A 55 7.93 -0.94 9.39
CA MET A 55 8.53 -0.15 10.38
C MET A 55 7.49 0.66 11.23
N THR A 56 6.36 1.02 10.66
CA THR A 56 5.31 1.70 11.42
C THR A 56 4.84 0.79 12.62
N VAL A 57 4.78 -0.53 12.42
CA VAL A 57 4.34 -1.44 13.49
C VAL A 57 5.36 -1.35 14.68
N VAL A 58 6.65 -1.41 14.30
CA VAL A 58 7.80 -1.25 15.24
C VAL A 58 7.73 0.10 15.95
N ASN A 59 7.48 1.18 15.22
CA ASN A 59 7.48 2.54 15.83
C ASN A 59 6.38 2.71 16.84
N VAL A 60 5.20 2.20 16.50
CA VAL A 60 4.04 2.27 17.43
C VAL A 60 4.37 1.45 18.66
N ALA A 61 4.86 0.25 18.45
CA ALA A 61 5.25 -0.57 19.62
C ALA A 61 6.33 0.10 20.49
N GLU A 62 7.37 0.70 19.85
CA GLU A 62 8.37 1.41 20.60
C GLU A 62 7.78 2.56 21.40
N GLY A 63 6.78 3.26 20.82
CA GLY A 63 6.06 4.35 21.54
C GLY A 63 5.55 3.86 22.88
N PHE A 64 4.82 2.75 22.85
CA PHE A 64 4.18 2.21 24.02
C PHE A 64 5.21 1.69 25.02
N LEU A 65 6.29 1.16 24.51
CA LEU A 65 7.36 0.64 25.40
C LEU A 65 7.89 1.71 26.31
N ALA A 66 7.96 2.95 25.81
CA ALA A 66 8.51 4.07 26.52
C ALA A 66 7.66 4.52 27.68
N VAL A 67 6.43 4.08 27.74
CA VAL A 67 5.46 4.52 28.75
C VAL A 67 4.80 3.40 29.53
N THR A 68 5.25 2.15 29.36
CA THR A 68 4.53 0.98 29.95
C THR A 68 5.59 0.14 30.66
N GLN A 69 5.28 -0.35 31.84
CA GLN A 69 6.29 -1.08 32.60
C GLN A 69 6.28 -2.54 32.16
N HIS A 70 7.50 -3.04 31.89
CA HIS A 70 7.72 -4.35 31.44
C HIS A 70 9.13 -4.84 31.84
N ASP A 71 9.32 -6.11 31.99
CA ASP A 71 10.59 -6.81 32.14
C ASP A 71 11.27 -6.60 30.80
N GLU A 72 12.58 -6.61 30.82
CA GLU A 72 13.38 -6.53 29.60
C GLU A 72 13.05 -7.63 28.61
N ALA A 73 12.84 -8.88 29.05
CA ALA A 73 12.58 -9.99 28.12
C ALA A 73 11.24 -9.73 27.44
N THR A 74 10.34 -9.06 28.18
CA THR A 74 9.00 -8.68 27.57
C THR A 74 9.14 -7.57 26.52
N LYS A 75 9.96 -6.57 26.81
CA LYS A 75 10.28 -5.54 25.81
C LYS A 75 10.83 -6.23 24.54
N GLU A 76 11.76 -7.15 24.71
CA GLU A 76 12.25 -7.86 23.54
C GLU A 76 11.25 -8.64 22.77
N ARG A 77 10.36 -9.35 23.48
CA ARG A 77 9.33 -10.15 22.87
C ARG A 77 8.37 -9.27 22.05
N ILE A 78 7.97 -8.12 22.66
CA ILE A 78 7.09 -7.09 22.02
C ILE A 78 7.77 -6.60 20.75
N LEU A 79 9.04 -6.25 20.82
CA LEU A 79 9.74 -5.73 19.62
C LEU A 79 9.87 -6.81 18.61
N HIS A 80 10.08 -8.07 19.02
CA HIS A 80 10.27 -9.14 18.08
C HIS A 80 8.89 -9.39 17.38
N ASP A 81 7.81 -9.34 18.19
CA ASP A 81 6.47 -9.48 17.65
C ASP A 81 6.13 -8.33 16.65
N ALA A 82 6.52 -7.10 16.96
CA ALA A 82 6.28 -5.97 16.06
C ALA A 82 7.04 -6.11 14.74
N CYS A 83 8.19 -6.74 14.83
CA CYS A 83 9.02 -6.99 13.59
C CYS A 83 8.36 -8.07 12.73
N VAL A 84 7.94 -9.14 13.35
CA VAL A 84 7.31 -10.19 12.68
C VAL A 84 6.01 -9.68 12.01
N GLY A 85 5.29 -8.91 12.78
CA GLY A 85 4.03 -8.33 12.29
C GLY A 85 4.33 -7.36 11.12
N GLY A 86 5.33 -6.52 11.23
CA GLY A 86 5.81 -5.59 10.19
C GLY A 86 6.10 -6.41 8.91
N TRP A 87 6.82 -7.52 9.03
CA TRP A 87 7.10 -8.36 7.86
C TRP A 87 5.91 -9.02 7.27
N MET A 88 4.92 -9.34 8.08
CA MET A 88 3.68 -9.88 7.49
C MET A 88 3.13 -8.81 6.57
N ILE A 89 3.11 -7.55 6.95
CA ILE A 89 2.55 -6.50 6.06
C ILE A 89 3.45 -6.30 4.83
N GLU A 90 4.76 -6.36 5.05
CA GLU A 90 5.70 -6.20 3.87
C GLU A 90 5.49 -7.30 2.86
N PHE A 91 5.35 -8.54 3.33
CA PHE A 91 5.12 -9.68 2.42
C PHE A 91 3.71 -9.59 1.76
N LEU A 92 2.72 -9.07 2.51
CA LEU A 92 1.37 -8.87 1.94
C LEU A 92 1.49 -7.86 0.76
N GLN A 93 2.26 -6.82 1.00
CA GLN A 93 2.52 -5.80 -0.04
C GLN A 93 3.21 -6.47 -1.24
N ALA A 94 4.25 -7.21 -0.92
CA ALA A 94 4.96 -7.97 -1.96
C ALA A 94 4.08 -8.85 -2.84
N HIS A 95 3.12 -9.58 -2.24
CA HIS A 95 2.09 -10.36 -2.97
C HIS A 95 1.35 -9.44 -3.91
N TYR A 96 0.82 -8.32 -3.40
CA TYR A 96 0.06 -7.43 -4.23
C TYR A 96 0.86 -6.78 -5.30
N LEU A 97 2.12 -6.44 -5.06
CA LEU A 97 2.95 -5.84 -6.16
C LEU A 97 3.27 -6.85 -7.23
N VAL A 98 3.61 -8.08 -6.88
CA VAL A 98 3.87 -9.16 -7.86
C VAL A 98 2.62 -9.33 -8.73
N GLU A 99 1.44 -9.45 -8.12
CA GLU A 99 0.29 -9.81 -8.93
C GLU A 99 -0.21 -8.59 -9.72
N ASP A 100 -0.19 -7.43 -9.10
CA ASP A 100 -0.56 -6.18 -9.79
C ASP A 100 0.31 -5.96 -11.00
N ASP A 101 1.62 -6.16 -10.87
CA ASP A 101 2.56 -5.94 -11.98
C ASP A 101 2.24 -6.87 -13.13
N ILE A 102 1.80 -8.09 -12.84
CA ILE A 102 1.41 -9.03 -13.88
C ILE A 102 0.08 -8.60 -14.48
N MET A 103 -0.91 -8.29 -13.60
CA MET A 103 -2.19 -7.80 -14.04
C MET A 103 -2.10 -6.59 -14.99
N ASP A 104 -1.21 -5.66 -14.70
CA ASP A 104 -1.11 -4.37 -15.41
C ASP A 104 -0.11 -4.41 -16.54
N GLY A 105 0.58 -5.52 -16.78
CA GLY A 105 1.63 -5.59 -17.72
C GLY A 105 2.73 -4.60 -17.45
N SER A 106 3.08 -4.38 -16.16
CA SER A 106 4.10 -3.45 -15.83
C SER A 106 5.49 -3.87 -16.19
N VAL A 107 6.37 -2.92 -16.41
CA VAL A 107 7.70 -3.25 -16.92
C VAL A 107 8.78 -3.23 -15.81
N MET A 108 8.74 -2.14 -15.04
CA MET A 108 9.68 -1.89 -14.01
C MET A 108 8.92 -1.53 -12.77
N ARG A 109 9.64 -1.71 -11.68
CA ARG A 109 9.23 -1.34 -10.36
C ARG A 109 10.50 -1.11 -9.56
N ARG A 110 10.66 0.10 -9.01
CA ARG A 110 11.87 0.49 -8.22
C ARG A 110 13.14 0.47 -9.09
N GLY A 111 13.03 0.84 -10.37
CA GLY A 111 14.21 0.76 -11.25
C GLY A 111 14.72 -0.65 -11.57
N LYS A 112 13.95 -1.71 -11.29
CA LYS A 112 14.31 -3.04 -11.69
C LYS A 112 13.11 -3.74 -12.38
N PRO A 113 13.40 -4.86 -13.09
CA PRO A 113 12.30 -5.39 -13.83
C PRO A 113 11.29 -5.95 -12.78
N CYS A 114 10.04 -5.88 -13.12
CA CYS A 114 9.03 -6.62 -12.35
C CYS A 114 9.37 -8.07 -12.28
N TRP A 115 9.01 -8.73 -11.17
CA TRP A 115 9.40 -10.12 -10.96
C TRP A 115 9.05 -11.05 -12.13
N TYR A 116 7.85 -10.93 -12.66
CA TYR A 116 7.43 -11.85 -13.66
C TYR A 116 8.29 -11.76 -14.93
N ARG A 117 8.96 -10.61 -15.08
CA ARG A 117 9.85 -10.38 -16.27
C ARG A 117 11.21 -10.92 -16.15
N PHE A 118 11.60 -11.43 -14.99
CA PHE A 118 12.87 -12.04 -14.88
C PHE A 118 12.93 -13.29 -15.81
N PRO A 119 14.07 -13.58 -16.43
CA PRO A 119 14.05 -14.66 -17.44
C PRO A 119 13.66 -16.04 -17.00
N GLY A 120 14.07 -16.42 -15.77
CA GLY A 120 13.81 -17.73 -15.21
C GLY A 120 12.57 -17.77 -14.32
N VAL A 121 11.76 -16.72 -14.36
CA VAL A 121 10.51 -16.65 -13.62
C VAL A 121 9.34 -16.98 -14.52
N THR A 122 8.99 -16.02 -15.35
CA THR A 122 7.84 -15.99 -16.22
C THR A 122 6.52 -15.87 -15.48
N THR A 123 5.45 -15.57 -16.21
CA THR A 123 4.16 -15.36 -15.54
C THR A 123 3.69 -16.63 -14.88
N GLN A 124 3.89 -17.75 -15.56
CA GLN A 124 3.46 -19.05 -15.05
C GLN A 124 3.97 -19.24 -13.65
N CYS A 125 5.18 -18.95 -13.37
CA CYS A 125 5.65 -19.11 -11.99
C CYS A 125 5.32 -17.92 -11.13
N ALA A 126 5.41 -16.70 -11.68
CA ALA A 126 5.20 -15.49 -10.85
C ALA A 126 3.85 -15.39 -10.16
N ILE A 127 2.82 -15.80 -10.88
CA ILE A 127 1.42 -15.73 -10.28
C ILE A 127 1.52 -16.59 -9.00
N ASN A 128 2.10 -17.77 -9.09
CA ASN A 128 2.10 -18.69 -7.94
C ASN A 128 3.11 -18.20 -6.91
N ASP A 129 4.25 -17.60 -7.32
CA ASP A 129 5.16 -16.99 -6.33
C ASP A 129 4.44 -15.90 -5.49
N GLY A 130 3.57 -15.19 -6.18
CA GLY A 130 2.80 -14.18 -5.48
C GLY A 130 1.85 -14.80 -4.45
N ILE A 131 1.24 -15.88 -4.82
CA ILE A 131 0.40 -16.70 -3.90
C ILE A 131 1.19 -17.13 -2.67
N ILE A 132 2.39 -17.61 -2.90
CA ILE A 132 3.24 -18.06 -1.81
C ILE A 132 3.59 -16.92 -0.89
N LEU A 133 3.96 -15.76 -1.41
CA LEU A 133 4.18 -14.59 -0.58
C LEU A 133 3.12 -14.33 0.41
N LYS A 134 1.87 -14.38 -0.04
CA LYS A 134 0.78 -14.18 0.94
C LYS A 134 0.67 -15.34 1.90
N SER A 135 0.83 -16.55 1.40
CA SER A 135 0.79 -17.76 2.29
C SER A 135 1.83 -17.65 3.39
N TRP A 136 3.03 -17.15 3.10
CA TRP A 136 4.06 -17.00 4.13
C TRP A 136 3.65 -16.02 5.27
N THR A 137 2.74 -15.04 4.97
CA THR A 137 2.24 -14.20 6.02
C THR A 137 1.50 -15.04 7.09
N GLN A 138 0.72 -16.03 6.68
CA GLN A 138 -0.02 -16.88 7.62
C GLN A 138 0.90 -17.85 8.33
N ILE A 139 1.89 -18.37 7.60
CA ILE A 139 2.85 -19.27 8.21
C ILE A 139 3.56 -18.55 9.32
N MET A 140 4.05 -17.34 9.08
CA MET A 140 4.71 -16.52 10.07
C MET A 140 3.81 -16.36 11.28
N ALA A 141 2.59 -15.90 11.05
CA ALA A 141 1.70 -15.57 12.18
C ALA A 141 1.47 -16.79 13.06
N TRP A 142 1.17 -17.93 12.43
CA TRP A 142 0.82 -19.13 13.25
C TRP A 142 2.05 -19.67 13.96
N HIS A 143 3.23 -19.52 13.38
CA HIS A 143 4.44 -19.91 14.11
C HIS A 143 4.76 -18.97 15.24
N TYR A 144 4.94 -17.68 14.97
CA TYR A 144 5.48 -16.76 15.97
C TYR A 144 4.41 -16.33 16.94
N PHE A 145 3.13 -16.38 16.56
CA PHE A 145 2.08 -15.85 17.49
C PHE A 145 1.16 -16.87 18.11
N ALA A 146 1.54 -18.14 17.96
CA ALA A 146 0.70 -19.31 18.31
C ALA A 146 0.02 -19.18 19.68
N ASP A 147 0.81 -18.78 20.66
CA ASP A 147 0.28 -18.70 21.98
C ASP A 147 -0.10 -17.28 22.41
N ARG A 148 -0.06 -16.31 21.48
CA ARG A 148 -0.31 -14.91 21.84
C ARG A 148 -1.76 -14.56 22.06
N PRO A 149 -2.09 -13.71 23.05
CA PRO A 149 -3.52 -13.37 23.23
C PRO A 149 -4.08 -12.62 22.06
N PHE A 150 -3.23 -11.94 21.27
CA PHE A 150 -3.74 -11.12 20.18
C PHE A 150 -3.88 -11.90 18.89
N LEU A 151 -3.49 -13.16 18.87
CA LEU A 151 -3.53 -13.98 17.67
C LEU A 151 -4.79 -13.87 16.87
N LYS A 152 -5.93 -14.13 17.50
CA LYS A 152 -7.19 -14.10 16.75
C LYS A 152 -7.52 -12.69 16.21
N ASP A 153 -7.39 -11.68 17.03
CA ASP A 153 -7.65 -10.30 16.58
C ASP A 153 -6.73 -9.92 15.41
N LEU A 154 -5.43 -10.25 15.54
CA LEU A 154 -4.44 -10.01 14.46
C LEU A 154 -4.82 -10.74 13.21
N LEU A 155 -5.04 -12.02 13.27
CA LEU A 155 -5.47 -12.78 12.05
C LEU A 155 -6.75 -12.24 11.45
N CYS A 156 -7.76 -11.88 12.26
CA CYS A 156 -9.09 -11.45 11.72
C CYS A 156 -8.90 -10.05 11.03
N LEU A 157 -8.16 -9.16 11.62
CA LEU A 157 -7.85 -7.87 11.06
C LEU A 157 -7.06 -7.97 9.70
N PHE A 158 -6.04 -8.88 9.73
CA PHE A 158 -5.17 -9.04 8.60
C PHE A 158 -6.05 -9.52 7.42
N GLN A 159 -6.95 -10.45 7.72
N GLN A 159 -6.97 -10.47 7.63
CA GLN A 159 -7.84 -11.11 6.81
CA GLN A 159 -7.80 -11.01 6.53
C GLN A 159 -8.75 -10.08 6.11
C GLN A 159 -8.68 -9.89 5.99
N LYS A 160 -9.31 -9.16 6.90
CA LYS A 160 -10.19 -8.08 6.44
C LYS A 160 -9.44 -7.04 5.64
N VAL A 161 -8.20 -6.68 6.02
CA VAL A 161 -7.44 -5.74 5.26
C VAL A 161 -7.00 -6.32 3.90
N ASP A 162 -6.57 -7.60 3.89
CA ASP A 162 -6.26 -8.33 2.63
C ASP A 162 -7.49 -8.31 1.71
N TYR A 163 -8.65 -8.63 2.23
CA TYR A 163 -9.87 -8.66 1.44
C TYR A 163 -10.24 -7.25 0.93
N ALA A 164 -10.14 -6.24 1.79
CA ALA A 164 -10.36 -4.78 1.37
C ALA A 164 -9.44 -4.43 0.21
N THR A 165 -8.21 -4.88 0.32
CA THR A 165 -7.18 -4.60 -0.66
C THR A 165 -7.57 -5.19 -2.03
N ALA A 166 -7.96 -6.46 -2.03
CA ALA A 166 -8.42 -7.09 -3.26
C ALA A 166 -9.64 -6.40 -3.85
N VAL A 167 -10.58 -6.04 -3.02
CA VAL A 167 -11.73 -5.21 -3.46
C VAL A 167 -11.30 -3.86 -4.04
N GLY A 168 -10.39 -3.20 -3.41
CA GLY A 168 -9.72 -1.99 -3.97
C GLY A 168 -9.10 -2.16 -5.33
N GLN A 169 -8.42 -3.28 -5.52
CA GLN A 169 -7.87 -3.60 -6.82
C GLN A 169 -8.99 -3.69 -7.88
N MET A 170 -10.06 -4.38 -7.55
CA MET A 170 -11.25 -4.44 -8.43
C MET A 170 -11.78 -3.04 -8.77
N TYR A 171 -11.91 -2.23 -7.72
CA TYR A 171 -12.42 -0.81 -7.97
C TYR A 171 -11.42 -0.07 -8.88
N ASP A 172 -10.09 -0.24 -8.69
CA ASP A 172 -9.09 0.39 -9.52
C ASP A 172 -9.09 -0.11 -11.00
N VAL A 173 -9.08 -1.40 -11.22
CA VAL A 173 -8.98 -1.96 -12.61
C VAL A 173 -10.25 -1.70 -13.42
N THR A 174 -11.39 -1.41 -12.74
CA THR A 174 -12.71 -1.24 -13.40
C THR A 174 -13.11 0.26 -13.39
N SER A 175 -12.19 1.10 -12.97
CA SER A 175 -12.46 2.57 -12.78
C SER A 175 -12.63 3.34 -14.08
N MET A 176 -12.20 2.79 -15.18
CA MET A 176 -12.39 3.44 -16.48
C MET A 176 -13.50 2.91 -17.30
N CYS A 177 -14.31 2.04 -16.72
CA CYS A 177 -15.46 1.41 -17.36
C CYS A 177 -16.68 2.11 -16.82
N ASP A 178 -17.83 1.98 -17.51
CA ASP A 178 -19.08 2.50 -16.93
C ASP A 178 -19.65 1.42 -16.08
N SER A 179 -20.07 1.69 -14.86
CA SER A 179 -20.51 0.63 -13.98
C SER A 179 -21.66 -0.16 -14.56
N ASN A 180 -22.58 0.54 -15.24
CA ASN A 180 -23.82 -0.12 -15.71
C ASN A 180 -23.53 -1.06 -16.80
N LYS A 181 -22.37 -0.92 -17.44
CA LYS A 181 -21.89 -1.87 -18.50
C LYS A 181 -21.00 -3.05 -18.07
N LEU A 182 -20.60 -3.12 -16.78
CA LEU A 182 -19.82 -4.29 -16.35
C LEU A 182 -20.61 -5.52 -16.64
N ASP A 183 -19.95 -6.52 -17.25
CA ASP A 183 -20.53 -7.74 -17.63
C ASP A 183 -19.45 -8.72 -18.05
N PRO A 184 -19.28 -9.82 -17.30
CA PRO A 184 -18.33 -10.81 -17.75
C PRO A 184 -18.46 -11.30 -19.20
N GLU A 185 -19.69 -11.33 -19.73
CA GLU A 185 -19.90 -11.77 -21.10
C GLU A 185 -19.49 -10.77 -22.22
N VAL A 186 -19.23 -9.48 -21.96
CA VAL A 186 -19.06 -8.45 -22.97
C VAL A 186 -17.78 -7.69 -22.74
N ALA A 187 -16.88 -7.58 -23.76
CA ALA A 187 -15.64 -6.87 -23.60
C ALA A 187 -15.89 -5.42 -23.21
N GLN A 188 -15.12 -4.91 -22.26
CA GLN A 188 -15.47 -3.63 -21.60
C GLN A 188 -14.97 -2.40 -22.31
N PRO A 189 -15.89 -1.52 -22.84
CA PRO A 189 -15.40 -0.27 -23.43
C PRO A 189 -14.93 0.70 -22.35
N MET A 190 -13.93 1.49 -22.67
CA MET A 190 -13.57 2.66 -21.83
C MET A 190 -14.77 3.65 -21.75
N THR A 191 -15.01 4.28 -20.59
CA THR A 191 -16.05 5.31 -20.51
C THR A 191 -15.82 6.34 -21.56
N THR A 192 -16.95 6.86 -22.09
CA THR A 192 -16.84 8.02 -22.96
C THR A 192 -17.29 9.28 -22.27
N ASP A 193 -18.13 9.18 -21.25
CA ASP A 193 -18.66 10.40 -20.49
C ASP A 193 -17.78 10.81 -19.28
N PHE A 194 -16.98 9.86 -18.79
CA PHE A 194 -16.19 10.10 -17.52
C PHE A 194 -17.07 10.58 -16.39
N ALA A 195 -18.31 10.16 -16.38
CA ALA A 195 -19.20 10.54 -15.29
C ALA A 195 -18.83 9.97 -13.94
N GLU A 196 -18.07 8.85 -13.97
CA GLU A 196 -17.67 8.23 -12.75
C GLU A 196 -16.30 8.73 -12.28
N PHE A 197 -15.72 9.80 -12.89
CA PHE A 197 -14.47 10.35 -12.42
C PHE A 197 -14.83 11.47 -11.46
N THR A 198 -15.31 11.10 -10.26
CA THR A 198 -15.64 12.02 -9.22
C THR A 198 -14.72 11.89 -7.96
N PRO A 199 -14.74 12.91 -7.10
CA PRO A 199 -14.00 12.80 -5.86
C PRO A 199 -14.45 11.61 -4.99
N ALA A 200 -15.75 11.34 -4.87
CA ALA A 200 -16.21 10.27 -3.99
C ALA A 200 -15.80 8.94 -4.57
N ILE A 201 -15.78 8.84 -5.90
CA ILE A 201 -15.48 7.56 -6.51
C ILE A 201 -14.00 7.26 -6.41
N TYR A 202 -13.19 8.28 -6.73
CA TYR A 202 -11.77 8.29 -6.38
C TYR A 202 -11.47 7.85 -4.99
N LYS A 203 -12.12 8.49 -4.04
CA LYS A 203 -11.87 8.22 -2.63
C LYS A 203 -12.15 6.77 -2.34
N ARG A 204 -13.14 6.20 -2.97
CA ARG A 204 -13.44 4.77 -2.63
C ARG A 204 -12.34 3.87 -3.16
N ILE A 205 -11.92 4.10 -4.41
CA ILE A 205 -10.79 3.34 -4.95
C ILE A 205 -9.59 3.41 -4.06
N VAL A 206 -9.18 4.60 -3.66
CA VAL A 206 -7.95 4.74 -2.83
C VAL A 206 -8.10 4.15 -1.39
N LYS A 207 -9.30 4.30 -0.81
CA LYS A 207 -9.53 3.82 0.55
C LYS A 207 -9.23 2.34 0.64
N TYR A 208 -9.77 1.63 -0.32
CA TYR A 208 -9.67 0.14 -0.35
C TYR A 208 -8.37 -0.32 -0.96
N LYS A 209 -7.87 0.31 -2.03
CA LYS A 209 -6.75 -0.29 -2.70
C LYS A 209 -5.43 -0.08 -2.00
N THR A 210 -5.35 0.98 -1.15
CA THR A 210 -4.11 1.45 -0.53
C THR A 210 -4.16 1.70 1.00
N THR A 211 -5.18 2.39 1.43
CA THR A 211 -5.16 2.93 2.79
C THR A 211 -5.25 1.85 3.85
N PHE A 212 -6.00 0.80 3.59
CA PHE A 212 -6.18 -0.23 4.61
C PHE A 212 -4.86 -0.96 4.89
N TYR A 213 -4.12 -1.36 3.84
CA TYR A 213 -2.84 -2.08 4.03
C TYR A 213 -1.66 -1.14 4.37
N THR A 214 -1.70 0.12 3.96
CA THR A 214 -0.58 1.00 4.07
C THR A 214 -0.58 1.77 5.40
N TYR A 215 -1.77 2.10 5.86
CA TYR A 215 -1.86 2.92 7.09
C TYR A 215 -2.67 2.28 8.16
N LEU A 216 -3.86 1.78 7.86
CA LEU A 216 -4.67 1.21 8.94
C LEU A 216 -3.99 0.00 9.58
N LEU A 217 -3.55 -0.93 8.76
CA LEU A 217 -2.98 -2.19 9.26
C LEU A 217 -1.70 -1.96 10.08
N PRO A 218 -0.72 -1.14 9.61
CA PRO A 218 0.47 -1.00 10.44
C PRO A 218 0.14 -0.37 11.79
N LEU A 219 -0.77 0.59 11.77
CA LEU A 219 -1.08 1.30 13.03
C LEU A 219 -1.76 0.32 14.04
N VAL A 220 -2.76 -0.40 13.58
CA VAL A 220 -3.50 -1.29 14.39
C VAL A 220 -2.73 -2.54 14.80
N MET A 221 -1.89 -3.08 13.91
CA MET A 221 -0.96 -4.17 14.34
C MET A 221 -0.03 -3.75 15.46
N GLY A 222 0.43 -2.54 15.37
CA GLY A 222 1.28 -1.94 16.39
C GLY A 222 0.53 -1.95 17.72
N LEU A 223 -0.72 -1.54 17.68
CA LEU A 223 -1.55 -1.55 18.90
C LEU A 223 -1.79 -3.02 19.38
N LEU A 224 -1.98 -3.96 18.45
CA LEU A 224 -2.33 -5.32 18.86
C LEU A 224 -1.12 -6.04 19.52
N VAL A 225 0.10 -5.85 18.97
CA VAL A 225 1.27 -6.49 19.53
C VAL A 225 1.75 -5.82 20.85
N SER A 226 1.19 -4.64 21.10
CA SER A 226 1.43 -3.89 22.31
C SER A 226 0.34 -4.13 23.36
N GLU A 227 -0.71 -4.89 23.04
CA GLU A 227 -1.89 -5.06 23.91
C GLU A 227 -2.43 -3.71 24.33
N ALA A 228 -2.54 -2.80 23.36
CA ALA A 228 -2.80 -1.36 23.64
C ALA A 228 -4.03 -0.87 22.87
N ALA A 229 -4.83 -1.76 22.35
CA ALA A 229 -5.96 -1.30 21.52
C ALA A 229 -6.93 -0.45 22.36
N ALA A 230 -7.01 -0.67 23.68
CA ALA A 230 -7.91 0.21 24.51
C ALA A 230 -7.40 1.66 24.75
N SER A 231 -6.18 1.97 24.36
CA SER A 231 -5.66 3.30 24.40
C SER A 231 -6.08 4.20 23.27
N VAL A 232 -6.93 3.71 22.38
CA VAL A 232 -7.44 4.48 21.27
C VAL A 232 -8.93 4.21 21.05
N GLU A 233 -9.52 5.18 20.37
CA GLU A 233 -10.82 5.12 19.85
C GLU A 233 -10.63 4.66 18.38
N MET A 234 -11.02 3.44 18.10
CA MET A 234 -10.77 2.84 16.82
C MET A 234 -11.38 3.62 15.67
N ASN A 235 -12.57 4.25 15.89
CA ASN A 235 -13.10 5.12 14.82
C ASN A 235 -12.16 6.28 14.44
N LEU A 236 -11.43 6.84 15.40
CA LEU A 236 -10.47 7.86 15.05
C LEU A 236 -9.26 7.32 14.33
N VAL A 237 -8.84 6.11 14.66
CA VAL A 237 -7.67 5.52 13.96
C VAL A 237 -8.05 5.30 12.52
N GLU A 238 -9.25 4.79 12.30
CA GLU A 238 -9.76 4.61 10.94
C GLU A 238 -9.78 5.91 10.13
N ARG A 239 -10.42 6.93 10.69
CA ARG A 239 -10.53 8.22 10.04
C ARG A 239 -9.21 8.84 9.61
N VAL A 240 -8.23 8.82 10.53
CA VAL A 240 -6.94 9.38 10.28
C VAL A 240 -6.19 8.56 9.23
N ALA A 241 -6.34 7.25 9.32
CA ALA A 241 -5.71 6.36 8.36
C ALA A 241 -6.23 6.70 6.96
N HIS A 242 -7.54 6.91 6.80
CA HIS A 242 -8.08 7.08 5.43
C HIS A 242 -7.65 8.43 4.91
N LEU A 243 -7.57 9.37 5.81
CA LEU A 243 -7.15 10.68 5.44
C LEU A 243 -5.71 10.74 4.97
N ILE A 244 -4.83 10.18 5.79
CA ILE A 244 -3.45 10.14 5.42
C ILE A 244 -3.20 9.26 4.16
N GLY A 245 -3.95 8.19 4.05
CA GLY A 245 -3.73 7.27 2.93
C GLY A 245 -4.16 7.94 1.65
N GLU A 246 -5.29 8.66 1.70
CA GLU A 246 -5.77 9.34 0.49
C GLU A 246 -4.72 10.34 -0.03
N TYR A 247 -4.17 11.11 0.91
CA TYR A 247 -3.08 12.06 0.63
C TYR A 247 -1.87 11.40 -0.03
N PHE A 248 -1.44 10.28 0.56
CA PHE A 248 -0.33 9.48 -0.01
C PHE A 248 -0.59 9.14 -1.47
N GLN A 249 -1.80 8.67 -1.74
CA GLN A 249 -2.12 8.35 -3.12
C GLN A 249 -2.20 9.52 -4.10
N VAL A 250 -2.66 10.65 -3.65
CA VAL A 250 -2.71 11.80 -4.48
C VAL A 250 -1.30 12.19 -4.89
N GLN A 251 -0.34 12.13 -3.97
CA GLN A 251 1.02 12.38 -4.32
C GLN A 251 1.51 11.38 -5.38
N ASP A 252 1.30 10.07 -5.18
CA ASP A 252 1.65 9.02 -6.11
C ASP A 252 1.01 9.30 -7.51
N ASP A 253 -0.28 9.73 -7.52
CA ASP A 253 -0.96 10.08 -8.76
C ASP A 253 -0.28 11.27 -9.42
N VAL A 254 0.08 12.31 -8.67
CA VAL A 254 0.76 13.45 -9.26
C VAL A 254 2.16 13.04 -9.85
N MET A 255 2.92 12.32 -9.07
CA MET A 255 4.25 11.82 -9.51
C MET A 255 4.26 10.89 -10.73
N ASP A 256 3.24 10.06 -10.89
CA ASP A 256 3.12 9.17 -12.05
C ASP A 256 3.17 9.95 -13.35
N CYS A 257 2.50 11.07 -13.33
CA CYS A 257 2.51 12.00 -14.48
C CYS A 257 3.76 12.87 -14.56
N PHE A 258 4.12 13.55 -13.48
CA PHE A 258 5.14 14.66 -13.58
C PHE A 258 6.60 14.36 -13.13
N THR A 259 6.83 13.27 -12.41
CA THR A 259 8.17 12.90 -11.94
C THR A 259 8.93 12.16 -13.04
N PRO A 260 10.22 12.56 -13.29
CA PRO A 260 10.92 11.89 -14.39
C PRO A 260 11.10 10.41 -14.09
N PRO A 261 11.03 9.55 -15.13
CA PRO A 261 11.01 8.11 -14.91
C PRO A 261 12.19 7.53 -14.08
N GLU A 262 13.41 8.08 -14.21
CA GLU A 262 14.57 7.57 -13.42
C GLU A 262 14.39 7.74 -11.93
N GLN A 263 13.81 8.88 -11.52
CA GLN A 263 13.55 9.16 -10.12
C GLN A 263 12.29 8.46 -9.61
N LEU A 264 11.31 8.33 -10.50
CA LEU A 264 10.05 7.60 -10.26
C LEU A 264 10.24 6.08 -10.01
N GLY A 265 11.16 5.44 -10.74
CA GLY A 265 11.43 3.99 -10.61
C GLY A 265 10.67 3.15 -11.67
N LYS A 266 10.13 3.88 -12.67
CA LYS A 266 8.94 3.52 -13.47
C LYS A 266 8.73 4.58 -14.64
N VAL A 267 8.35 4.15 -15.85
CA VAL A 267 7.67 5.05 -16.82
C VAL A 267 6.20 5.03 -16.42
N GLY A 268 5.66 6.22 -16.10
CA GLY A 268 4.24 6.40 -15.76
C GLY A 268 3.31 6.18 -16.94
N THR A 269 2.30 5.30 -16.76
CA THR A 269 1.27 5.06 -17.77
C THR A 269 -0.21 5.29 -17.30
N ASP A 270 -0.45 6.10 -16.24
CA ASP A 270 -1.87 6.31 -15.74
C ASP A 270 -2.80 6.93 -16.82
N ILE A 271 -2.21 7.85 -17.60
CA ILE A 271 -2.96 8.44 -18.68
C ILE A 271 -3.34 7.40 -19.72
N GLU A 272 -2.37 6.61 -20.16
CA GLU A 272 -2.61 5.65 -21.23
C GLU A 272 -3.55 4.55 -20.75
N ASP A 273 -3.41 4.23 -19.46
CA ASP A 273 -4.28 3.22 -18.82
C ASP A 273 -5.68 3.71 -18.43
N ALA A 274 -5.94 5.01 -18.68
CA ALA A 274 -7.21 5.69 -18.35
C ALA A 274 -7.55 5.62 -16.86
N LYS A 275 -6.54 5.73 -16.06
CA LYS A 275 -6.78 5.61 -14.63
C LYS A 275 -7.60 6.79 -14.08
N CYS A 276 -8.39 6.49 -13.05
CA CYS A 276 -9.13 7.52 -12.38
C CYS A 276 -8.13 8.10 -11.37
N SER A 277 -7.25 8.98 -11.82
CA SER A 277 -6.25 9.56 -10.96
C SER A 277 -6.79 10.87 -10.33
N TRP A 278 -6.08 11.39 -9.32
CA TRP A 278 -6.42 12.66 -8.77
C TRP A 278 -6.37 13.76 -9.83
N LEU A 279 -5.38 13.70 -10.70
CA LEU A 279 -5.22 14.67 -11.80
C LEU A 279 -6.43 14.68 -12.78
N ALA A 280 -6.89 13.51 -13.20
CA ALA A 280 -8.04 13.41 -14.05
C ALA A 280 -9.33 13.94 -13.43
N VAL A 281 -9.57 13.57 -12.18
CA VAL A 281 -10.73 13.97 -11.47
C VAL A 281 -10.68 15.52 -11.20
N THR A 282 -9.55 16.04 -10.76
CA THR A 282 -9.43 17.43 -10.35
C THR A 282 -9.52 18.29 -11.61
N PHE A 283 -8.89 17.82 -12.71
CA PHE A 283 -8.97 18.50 -14.00
C PHE A 283 -10.46 18.56 -14.49
N LEU A 284 -11.12 17.44 -14.47
CA LEU A 284 -12.57 17.44 -14.82
C LEU A 284 -13.47 18.34 -13.91
N GLY A 285 -13.05 18.54 -12.65
CA GLY A 285 -13.80 19.30 -11.70
C GLY A 285 -13.64 20.79 -11.91
N LYS A 286 -12.76 21.23 -12.81
CA LYS A 286 -12.57 22.67 -13.06
C LYS A 286 -12.56 23.05 -14.54
N ALA A 287 -12.56 22.04 -15.42
CA ALA A 287 -12.49 22.27 -16.86
C ALA A 287 -13.72 22.92 -17.48
N ASN A 288 -13.48 23.67 -18.59
CA ASN A 288 -14.55 24.18 -19.43
C ASN A 288 -14.93 23.16 -20.49
N ALA A 289 -15.98 23.45 -21.27
CA ALA A 289 -16.51 22.47 -22.16
C ALA A 289 -15.45 22.06 -23.18
N ALA A 290 -14.66 23.02 -23.69
CA ALA A 290 -13.72 22.66 -24.71
C ALA A 290 -12.58 21.80 -24.15
N GLN A 291 -12.12 22.14 -22.97
CA GLN A 291 -11.05 21.33 -22.27
C GLN A 291 -11.54 19.86 -21.98
N VAL A 292 -12.79 19.71 -21.61
CA VAL A 292 -13.36 18.40 -21.38
C VAL A 292 -13.37 17.65 -22.69
N ALA A 293 -13.73 18.27 -23.82
CA ALA A 293 -13.79 17.51 -25.06
C ALA A 293 -12.43 17.10 -25.60
N GLU A 294 -11.44 17.95 -25.37
CA GLU A 294 -10.07 17.67 -25.73
C GLU A 294 -9.51 16.56 -24.82
N PHE A 295 -9.85 16.59 -23.53
CA PHE A 295 -9.39 15.51 -22.65
C PHE A 295 -10.02 14.18 -23.14
N LYS A 296 -11.31 14.20 -23.41
CA LYS A 296 -11.99 12.95 -23.88
C LYS A 296 -11.39 12.41 -25.19
N ALA A 297 -11.02 13.29 -26.10
CA ALA A 297 -10.44 12.83 -27.37
C ALA A 297 -9.04 12.23 -27.22
N ASN A 298 -8.35 12.45 -26.10
CA ASN A 298 -6.94 12.03 -25.96
C ASN A 298 -6.65 11.00 -24.82
N TYR A 299 -7.57 10.93 -23.84
CA TYR A 299 -7.26 10.16 -22.62
C TYR A 299 -7.32 8.67 -22.94
N GLY A 300 -6.44 7.92 -22.28
CA GLY A 300 -6.54 6.45 -22.29
C GLY A 300 -6.10 5.86 -23.64
N GLU A 301 -5.13 6.49 -24.30
CA GLU A 301 -4.55 6.02 -25.54
C GLU A 301 -3.08 5.91 -25.41
N LYS A 302 -2.55 4.85 -26.02
CA LYS A 302 -1.11 4.59 -26.02
C LYS A 302 -0.33 5.70 -26.73
N ASP A 303 -0.90 6.24 -27.81
CA ASP A 303 -0.22 7.25 -28.67
C ASP A 303 0.41 8.40 -27.84
N PRO A 304 1.76 8.54 -27.88
CA PRO A 304 2.48 9.65 -27.24
C PRO A 304 2.01 11.02 -27.52
N ALA A 305 1.54 11.28 -28.74
CA ALA A 305 1.04 12.63 -29.08
C ALA A 305 -0.17 12.99 -28.21
N LYS A 306 -1.04 12.01 -28.00
CA LYS A 306 -2.26 12.21 -27.17
C LYS A 306 -1.95 12.24 -25.66
N VAL A 307 -1.04 11.38 -25.21
CA VAL A 307 -0.55 11.48 -23.83
C VAL A 307 0.05 12.88 -23.57
N ALA A 308 0.81 13.43 -24.51
CA ALA A 308 1.36 14.82 -24.36
C ALA A 308 0.26 15.88 -24.30
N VAL A 309 -0.79 15.72 -25.09
CA VAL A 309 -1.94 16.64 -25.10
C VAL A 309 -2.58 16.64 -23.67
N VAL A 310 -2.74 15.45 -23.10
CA VAL A 310 -3.29 15.31 -21.73
C VAL A 310 -2.38 16.00 -20.67
N LYS A 311 -1.06 15.78 -20.75
CA LYS A 311 -0.09 16.49 -19.89
C LYS A 311 -0.17 17.97 -20.09
N ARG A 312 -0.32 18.39 -21.35
CA ARG A 312 -0.50 19.83 -21.65
C ARG A 312 -1.77 20.37 -20.99
N LEU A 313 -2.87 19.65 -21.06
CA LEU A 313 -4.10 20.16 -20.47
C LEU A 313 -3.92 20.24 -18.95
N TYR A 314 -3.28 19.24 -18.36
CA TYR A 314 -3.07 19.30 -16.90
C TYR A 314 -2.20 20.51 -16.46
N SER A 315 -1.12 20.78 -17.20
CA SER A 315 -0.23 21.93 -16.93
C SER A 315 -1.00 23.26 -17.01
N LYS A 316 -1.58 23.56 -18.15
CA LYS A 316 -2.41 24.78 -18.31
C LYS A 316 -3.59 24.93 -17.35
N ALA A 317 -4.02 23.86 -16.69
CA ALA A 317 -5.19 23.87 -15.78
C ALA A 317 -4.85 24.25 -14.31
N ASN A 318 -3.55 24.37 -14.01
CA ASN A 318 -3.09 24.94 -12.73
C ASN A 318 -3.57 24.08 -11.55
N LEU A 319 -3.24 22.82 -11.65
CA LEU A 319 -3.66 21.84 -10.70
C LEU A 319 -2.80 21.95 -9.48
N GLN A 320 -1.65 22.65 -9.56
CA GLN A 320 -0.82 22.95 -8.37
C GLN A 320 -1.64 23.74 -7.36
N ALA A 321 -2.56 24.56 -7.85
CA ALA A 321 -3.37 25.37 -6.94
C ALA A 321 -4.31 24.46 -6.19
N ASP A 322 -5.00 23.60 -6.95
CA ASP A 322 -5.95 22.62 -6.34
C ASP A 322 -5.22 21.74 -5.34
N PHE A 323 -3.96 21.39 -5.65
CA PHE A 323 -3.18 20.51 -4.78
C PHE A 323 -2.82 21.16 -3.44
N ALA A 324 -2.27 22.37 -3.52
CA ALA A 324 -1.93 23.14 -2.33
C ALA A 324 -3.18 23.30 -1.47
N ALA A 325 -4.32 23.60 -2.07
CA ALA A 325 -5.60 23.66 -1.36
C ALA A 325 -5.98 22.34 -0.72
N TYR A 326 -5.84 21.24 -1.45
CA TYR A 326 -6.09 19.93 -0.84
C TYR A 326 -5.17 19.69 0.35
N GLU A 327 -3.89 19.94 0.14
CA GLU A 327 -2.83 19.71 1.08
C GLU A 327 -3.09 20.48 2.35
N ALA A 328 -3.41 21.76 2.19
CA ALA A 328 -3.98 22.56 3.30
C ALA A 328 -5.06 21.96 4.12
N GLU A 329 -6.13 21.54 3.47
CA GLU A 329 -7.22 20.93 4.16
C GLU A 329 -6.85 19.59 4.86
N VAL A 330 -6.07 18.74 4.20
CA VAL A 330 -5.60 17.51 4.83
C VAL A 330 -4.76 17.88 6.08
N VAL A 331 -3.82 18.78 5.93
CA VAL A 331 -2.97 19.19 7.12
C VAL A 331 -3.85 19.58 8.30
N ARG A 332 -4.85 20.37 7.99
CA ARG A 332 -5.87 20.77 8.93
C ARG A 332 -6.68 19.64 9.61
N GLU A 333 -7.13 18.70 8.81
CA GLU A 333 -7.94 17.62 9.31
C GLU A 333 -7.08 16.58 10.13
N VAL A 334 -5.88 16.39 9.66
CA VAL A 334 -5.00 15.39 10.31
C VAL A 334 -4.56 15.90 11.69
N GLU A 335 -4.27 17.19 11.79
CA GLU A 335 -3.97 17.86 13.05
C GLU A 335 -5.10 17.80 14.04
N SER A 336 -6.34 17.97 13.59
CA SER A 336 -7.53 17.81 14.44
C SER A 336 -7.69 16.40 14.97
N LEU A 337 -7.50 15.43 14.05
CA LEU A 337 -7.63 14.02 14.43
C LEU A 337 -6.51 13.63 15.39
N ILE A 338 -5.29 14.13 15.17
CA ILE A 338 -4.23 13.85 16.14
C ILE A 338 -4.62 14.40 17.56
N GLU A 339 -5.15 15.61 17.53
CA GLU A 339 -5.68 16.10 18.77
C GLU A 339 -6.72 15.24 19.45
N GLN A 340 -7.67 14.75 18.70
CA GLN A 340 -8.70 13.96 19.19
C GLN A 340 -7.98 12.65 19.72
N LEU A 341 -6.86 12.24 19.08
CA LEU A 341 -6.07 10.99 19.54
C LEU A 341 -5.35 11.15 20.84
N LYS A 342 -5.00 12.38 21.20
CA LYS A 342 -4.39 12.65 22.55
C LYS A 342 -5.27 12.50 23.80
N VAL A 343 -6.59 12.58 23.64
CA VAL A 343 -7.56 12.39 24.76
C VAL A 343 -7.30 11.00 25.42
N LYS A 344 -6.84 10.04 24.65
CA LYS A 344 -6.53 8.71 25.18
C LYS A 344 -5.09 8.31 25.04
N SER A 345 -4.39 8.62 23.97
CA SER A 345 -2.97 8.23 23.99
C SER A 345 -2.15 9.23 23.31
N PRO A 346 -1.46 10.06 24.12
CA PRO A 346 -0.37 10.89 23.66
C PRO A 346 0.61 10.14 22.83
N THR A 347 1.00 8.98 23.34
CA THR A 347 1.91 8.13 22.69
C THR A 347 1.44 7.76 21.28
N PHE A 348 0.21 7.26 21.23
CA PHE A 348 -0.31 6.82 19.93
C PHE A 348 -0.44 8.04 19.01
N ALA A 349 -0.96 9.13 19.55
CA ALA A 349 -1.11 10.34 18.69
C ALA A 349 0.24 10.77 18.10
N GLU A 350 1.29 10.63 18.90
CA GLU A 350 2.58 10.92 18.36
C GLU A 350 3.09 10.03 17.27
N SER A 351 2.76 8.73 17.39
CA SER A 351 3.11 7.81 16.35
C SER A 351 2.48 8.18 15.02
N VAL A 352 1.19 8.56 15.08
CA VAL A 352 0.41 9.08 13.94
C VAL A 352 1.02 10.38 13.46
N ALA A 353 1.46 11.24 14.37
CA ALA A 353 2.24 12.42 13.92
C ALA A 353 3.47 12.07 13.11
N VAL A 354 4.22 11.05 13.50
CA VAL A 354 5.38 10.66 12.75
C VAL A 354 4.99 10.07 11.37
N VAL A 355 3.91 9.31 11.36
CA VAL A 355 3.44 8.71 10.14
C VAL A 355 3.05 9.79 9.12
N TRP A 356 2.25 10.75 9.60
CA TRP A 356 2.00 11.99 8.82
C TRP A 356 3.27 12.74 8.35
N GLU A 357 4.26 13.04 9.22
CA GLU A 357 5.51 13.70 8.76
C GLU A 357 6.20 12.93 7.68
N LYS A 358 6.25 11.63 7.78
CA LYS A 358 6.96 10.85 6.76
C LYS A 358 6.21 10.77 5.43
N THR A 359 4.91 10.91 5.47
CA THR A 359 4.09 11.00 4.27
C THR A 359 4.17 12.39 3.61
N HIS A 360 3.91 13.39 4.45
CA HIS A 360 3.80 14.77 4.00
C HIS A 360 5.14 15.33 3.43
N LYS A 361 6.29 14.81 3.84
CA LYS A 361 7.61 15.22 3.26
C LYS A 361 8.00 14.55 1.92
N ARG A 362 8.20 13.23 1.89
CA ARG A 362 8.86 12.47 0.78
C ARG A 362 9.02 13.16 -0.60
S SO4 B . 7.84 1.30 0.62
O1 SO4 B . 9.18 1.73 0.04
O2 SO4 B . 7.50 -0.13 0.13
O3 SO4 B . 6.78 2.19 0.13
O4 SO4 B . 8.19 1.48 2.08
S SO4 C . 5.74 -24.86 13.71
O1 SO4 C . 4.55 -25.72 13.91
O2 SO4 C . 6.50 -25.26 12.48
O3 SO4 C . 6.64 -24.90 14.88
O4 SO4 C . 5.18 -23.51 13.62
C ACT D . -12.60 16.16 12.39
O ACT D . -11.73 15.57 13.10
OXT ACT D . -13.74 16.44 12.84
CH3 ACT D . -12.30 16.51 10.96
ZN ZN E . -2.67 -2.04 -10.78
ZN ZN F . 0.49 5.13 -9.21
N1 LXS G . -13.75 -1.68 9.87
C4 LXS G . -14.67 -2.59 9.18
C5 LXS G . -14.94 -2.25 7.64
C6 LXS G . -14.62 -3.70 7.04
C7 LXS G . -14.19 -4.13 9.14
C8 LXS G . -12.81 -4.13 8.49
C10 LXS G . -10.47 -4.05 7.98
C13 LXS G . -13.08 -3.82 7.13
N LXS G . -11.97 -1.35 11.29
C LXS G . -9.84 -1.97 12.43
O LXS G . -10.72 0.07 9.97
C1 LXS G . -11.20 -1.34 12.54
C11 LXS G . -10.76 -3.74 6.66
C12 LXS G . -12.05 -3.63 6.22
C14 LXS G . -13.20 -2.02 11.13
C2 LXS G . -11.65 -0.67 10.11
C3 LXS G . -12.68 -0.96 9.09
C9 LXS G . -11.52 -4.25 8.95
O1 LXS G . -16.28 -1.97 7.41
O2 LXS G . -15.00 -4.61 8.09
O3 LXS G . -13.67 -2.77 11.92
#